data_8TCA
#
_entry.id   8TCA
#
_cell.length_a   79.906
_cell.length_b   79.906
_cell.length_c   145.127
_cell.angle_alpha   90.000
_cell.angle_beta   90.000
_cell.angle_gamma   90.000
#
_symmetry.space_group_name_H-M   'P 43 21 2'
#
loop_
_entity.id
_entity.type
_entity.pdbx_description
1 polymer 'm6A binding IgG Fab, heavy chain'
2 polymer 'm6A binding IgG Fab, light chain'
3 non-polymer 1,2-ETHANEDIOL
4 water water
#
loop_
_entity_poly.entity_id
_entity_poly.type
_entity_poly.pdbx_seq_one_letter_code
_entity_poly.pdbx_strand_id
1 'polypeptide(L)'
;EVKLEESGGGLVQPGGSMKLSCVASGFSFTNYWMNWVRQSPEKGLEWVAEISLKSSNYVTYYAESVKGRFTISSDKSKRS
VYLQMNNLRAEDTGIYFCSLWQTWFAYWGQGTLVTVSSAKTTPPSVYPLAPGSAAQTNSMVTLGCLVKGYFPEPVTVTWN
SGSLSSGVHTFPAVLQSDLYTLSSSVTVPSSTWPSETVTCNVAHPASSTKVDKKIVPRDCG
;
H
2 'polypeptide(L)'
;QAVVTQESALTTSPGETVTLTCRSSTGAVTTSNYANWVQEKPDHLFTGLIGGTNNRAPGVPARFSGSLIGDKAALTITGA
QTDDEAIYFCALWYSNHLVFGGGTKLTVLGQPKSSPSVTLFPPSSEELETNKATLVCTITDFYPGVVTVDWKVDGTPVTQ
GMETTQPSKQSNNKYMASSYLTLTARAWERHSSYSCQVTHEGHTVEKSLSRADCS
;
L
#
# COMPACT_ATOMS: atom_id res chain seq x y z
N GLU A 1 -19.33 16.49 -9.46
CA GLU A 1 -18.42 15.35 -9.45
C GLU A 1 -18.90 14.36 -8.39
N VAL A 2 -18.60 13.08 -8.63
CA VAL A 2 -18.97 12.04 -7.70
C VAL A 2 -17.93 11.98 -6.58
N LYS A 3 -18.43 11.90 -5.33
CA LYS A 3 -17.60 11.75 -4.16
C LYS A 3 -18.07 10.54 -3.37
N LEU A 4 -17.12 9.67 -2.99
CA LEU A 4 -17.36 8.54 -2.10
C LEU A 4 -16.38 8.66 -0.94
N GLU A 5 -16.86 8.51 0.29
CA GLU A 5 -15.99 8.66 1.45
C GLU A 5 -16.34 7.64 2.51
N GLU A 6 -15.42 6.69 2.77
CA GLU A 6 -15.62 5.69 3.80
C GLU A 6 -15.23 6.27 5.16
N SER A 7 -15.82 5.71 6.21
CA SER A 7 -15.41 5.99 7.58
C SER A 7 -15.79 4.84 8.50
N GLY A 8 -15.29 4.91 9.73
CA GLY A 8 -15.70 4.01 10.81
C GLY A 8 -14.66 2.96 11.18
N GLY A 9 -13.56 2.91 10.40
CA GLY A 9 -12.49 1.95 10.61
C GLY A 9 -11.67 2.28 11.85
N GLY A 10 -10.98 1.27 12.39
CA GLY A 10 -10.16 1.42 13.57
C GLY A 10 -9.81 0.05 14.13
N LEU A 11 -9.18 0.04 15.30
CA LEU A 11 -8.93 -1.19 16.05
C LEU A 11 -10.24 -1.75 16.60
N VAL A 12 -10.38 -3.08 16.52
CA VAL A 12 -11.50 -3.78 17.11
C VAL A 12 -11.07 -5.19 17.51
N GLN A 13 -11.61 -5.66 18.63
CA GLN A 13 -11.20 -6.93 19.20
C GLN A 13 -11.77 -8.11 18.42
N PRO A 14 -11.04 -9.25 18.33
CA PRO A 14 -11.58 -10.50 17.82
C PRO A 14 -12.93 -10.82 18.47
N GLY A 15 -13.91 -11.21 17.65
CA GLY A 15 -15.27 -11.46 18.14
C GLY A 15 -16.16 -10.22 18.17
N GLY A 16 -15.57 -9.04 17.97
CA GLY A 16 -16.26 -7.77 18.17
C GLY A 16 -17.07 -7.34 16.95
N SER A 17 -17.65 -6.14 17.05
CA SER A 17 -18.51 -5.58 16.03
C SER A 17 -18.03 -4.18 15.66
N MET A 18 -18.29 -3.79 14.41
CA MET A 18 -17.84 -2.50 13.90
C MET A 18 -18.66 -2.13 12.68
N LYS A 19 -19.18 -0.90 12.67
CA LYS A 19 -20.02 -0.40 11.59
C LYS A 19 -19.26 0.61 10.73
N LEU A 20 -19.08 0.27 9.45
CA LEU A 20 -18.52 1.17 8.47
C LEU A 20 -19.60 1.97 7.74
N SER A 21 -19.25 3.18 7.33
CA SER A 21 -20.13 4.05 6.57
C SER A 21 -19.47 4.46 5.25
N CYS A 22 -20.31 4.56 4.21
CA CYS A 22 -19.92 5.09 2.92
C CYS A 22 -20.94 6.17 2.54
N VAL A 23 -20.46 7.40 2.40
CA VAL A 23 -21.30 8.53 2.04
C VAL A 23 -20.97 8.87 0.59
N ALA A 24 -22.02 8.95 -0.24
CA ALA A 24 -21.90 9.16 -1.68
C ALA A 24 -22.66 10.40 -2.09
N SER A 25 -22.07 11.22 -2.97
CA SER A 25 -22.77 12.33 -3.60
C SER A 25 -22.36 12.46 -5.07
N GLY A 26 -23.18 13.18 -5.86
CA GLY A 26 -22.85 13.49 -7.25
C GLY A 26 -24.05 13.56 -8.20
N PHE A 27 -24.84 12.49 -8.21
CA PHE A 27 -26.08 12.42 -8.99
C PHE A 27 -26.86 11.22 -8.43
N SER A 28 -28.04 10.95 -8.98
CA SER A 28 -28.87 9.85 -8.49
C SER A 28 -28.29 8.51 -8.93
N PHE A 29 -27.86 7.69 -7.95
CA PHE A 29 -27.13 6.46 -8.23
C PHE A 29 -28.00 5.20 -8.24
N THR A 30 -29.29 5.35 -8.55
CA THR A 30 -30.21 4.21 -8.54
C THR A 30 -29.86 3.07 -9.50
N ASN A 31 -29.12 3.35 -10.57
CA ASN A 31 -28.66 2.30 -11.48
C ASN A 31 -27.43 1.56 -10.98
N TYR A 32 -26.88 1.99 -9.84
CA TYR A 32 -25.62 1.47 -9.34
C TYR A 32 -25.79 0.47 -8.20
N TRP A 33 -24.75 -0.34 -8.00
CA TRP A 33 -24.65 -1.24 -6.86
C TRP A 33 -23.46 -0.81 -6.02
N MET A 34 -23.69 -0.54 -4.73
CA MET A 34 -22.60 -0.17 -3.83
C MET A 34 -21.94 -1.44 -3.32
N ASN A 35 -20.65 -1.59 -3.60
CA ASN A 35 -19.86 -2.75 -3.25
C ASN A 35 -18.88 -2.40 -2.13
N TRP A 36 -18.67 -3.33 -1.20
CA TRP A 36 -17.57 -3.23 -0.27
C TRP A 36 -16.49 -4.23 -0.69
N VAL A 37 -15.28 -3.71 -0.87
CA VAL A 37 -14.10 -4.51 -1.21
C VAL A 37 -13.00 -4.18 -0.19
N ARG A 38 -12.34 -5.23 0.32
CA ARG A 38 -11.27 -4.99 1.27
C ARG A 38 -9.92 -5.39 0.68
N GLN A 39 -8.89 -4.65 1.08
CA GLN A 39 -7.53 -4.92 0.63
C GLN A 39 -6.68 -5.34 1.81
N SER A 40 -6.02 -6.50 1.67
CA SER A 40 -4.98 -6.92 2.58
C SER A 40 -3.69 -7.16 1.79
N PRO A 41 -2.51 -7.19 2.43
CA PRO A 41 -1.27 -7.58 1.74
C PRO A 41 -1.35 -8.98 1.16
N GLU A 42 -1.98 -9.91 1.90
CA GLU A 42 -2.05 -11.32 1.53
C GLU A 42 -2.97 -11.59 0.34
N LYS A 43 -4.25 -11.21 0.45
CA LYS A 43 -5.24 -11.58 -0.55
C LYS A 43 -5.27 -10.65 -1.76
N GLY A 44 -4.76 -9.43 -1.61
CA GLY A 44 -4.98 -8.35 -2.56
C GLY A 44 -6.38 -7.79 -2.33
N LEU A 45 -7.13 -7.57 -3.42
CA LEU A 45 -8.55 -7.24 -3.31
C LEU A 45 -9.42 -8.46 -3.01
N GLU A 46 -10.41 -8.26 -2.14
CA GLU A 46 -11.32 -9.31 -1.75
C GLU A 46 -12.73 -8.73 -1.65
N TRP A 47 -13.65 -9.33 -2.39
CA TRP A 47 -15.05 -8.91 -2.41
C TRP A 47 -15.74 -9.27 -1.09
N VAL A 48 -16.50 -8.32 -0.53
CA VAL A 48 -17.23 -8.53 0.71
C VAL A 48 -18.75 -8.63 0.50
N ALA A 49 -19.34 -7.63 -0.17
CA ALA A 49 -20.78 -7.53 -0.28
C ALA A 49 -21.18 -6.39 -1.22
N GLU A 50 -22.43 -6.44 -1.71
CA GLU A 50 -22.99 -5.32 -2.44
C GLU A 50 -24.50 -5.19 -2.21
N ILE A 51 -25.03 -4.01 -2.58
CA ILE A 51 -26.44 -3.68 -2.45
C ILE A 51 -26.85 -2.82 -3.64
N SER A 52 -28.00 -3.14 -4.24
CA SER A 52 -28.60 -2.28 -5.25
C SER A 52 -29.13 -1.01 -4.60
N LEU A 53 -28.82 0.14 -5.22
CA LEU A 53 -29.26 1.44 -4.75
C LEU A 53 -30.55 1.89 -5.42
N LYS A 54 -31.33 0.95 -5.97
CA LYS A 54 -32.65 1.26 -6.46
C LYS A 54 -33.48 1.83 -5.31
N SER A 55 -34.31 2.84 -5.63
CA SER A 55 -35.21 3.46 -4.67
C SER A 55 -36.43 2.58 -4.40
N SER A 56 -36.82 1.78 -5.40
CA SER A 56 -37.96 0.90 -5.31
C SER A 56 -37.80 -0.19 -4.25
N ASN A 57 -36.56 -0.70 -4.11
CA ASN A 57 -36.24 -1.79 -3.21
C ASN A 57 -34.75 -2.11 -3.37
N TYR A 58 -34.21 -2.95 -2.49
CA TYR A 58 -32.81 -3.34 -2.56
C TYR A 58 -32.62 -4.84 -2.78
N VAL A 59 -31.42 -5.21 -3.22
CA VAL A 59 -30.99 -6.59 -3.35
C VAL A 59 -29.56 -6.62 -2.83
N THR A 60 -29.22 -7.67 -2.08
CA THR A 60 -27.92 -7.78 -1.45
C THR A 60 -27.29 -9.10 -1.85
N TYR A 61 -25.96 -9.09 -1.98
CA TYR A 61 -25.17 -10.29 -2.21
C TYR A 61 -23.98 -10.24 -1.25
N TYR A 62 -23.55 -11.41 -0.77
CA TYR A 62 -22.49 -11.50 0.21
C TYR A 62 -21.45 -12.55 -0.18
N ALA A 63 -20.19 -12.28 0.20
CA ALA A 63 -19.15 -13.29 0.14
C ALA A 63 -19.49 -14.40 1.13
N GLU A 64 -19.15 -15.63 0.75
CA GLU A 64 -19.42 -16.80 1.57
C GLU A 64 -18.88 -16.62 2.98
N SER A 65 -17.66 -16.07 3.08
CA SER A 65 -16.95 -15.93 4.35
C SER A 65 -17.54 -14.90 5.31
N VAL A 66 -18.41 -14.01 4.81
CA VAL A 66 -19.04 -13.01 5.67
C VAL A 66 -20.52 -13.28 5.96
N LYS A 67 -21.10 -14.27 5.28
CA LYS A 67 -22.51 -14.61 5.45
C LYS A 67 -22.79 -14.95 6.91
N GLY A 68 -23.84 -14.31 7.45
CA GLY A 68 -24.21 -14.49 8.84
C GLY A 68 -23.33 -13.72 9.82
N ARG A 69 -22.38 -12.93 9.32
CA ARG A 69 -21.52 -12.11 10.16
C ARG A 69 -21.64 -10.63 9.83
N PHE A 70 -21.74 -10.31 8.53
CA PHE A 70 -21.85 -8.95 8.06
C PHE A 70 -23.20 -8.72 7.41
N THR A 71 -23.73 -7.50 7.58
CA THR A 71 -24.89 -7.06 6.82
C THR A 71 -24.56 -5.73 6.14
N ILE A 72 -25.05 -5.58 4.90
CA ILE A 72 -24.95 -4.34 4.15
C ILE A 72 -26.33 -3.69 4.12
N SER A 73 -26.36 -2.37 4.23
CA SER A 73 -27.60 -1.61 4.23
C SER A 73 -27.37 -0.23 3.62
N SER A 74 -28.46 0.48 3.32
CA SER A 74 -28.35 1.81 2.78
C SER A 74 -29.48 2.70 3.26
N ASP A 75 -29.16 3.97 3.50
CA ASP A 75 -30.14 4.96 3.90
C ASP A 75 -30.11 6.10 2.89
N LYS A 76 -31.06 6.09 1.94
CA LYS A 76 -31.11 7.06 0.86
C LYS A 76 -31.14 8.49 1.41
N SER A 77 -31.89 8.70 2.50
CA SER A 77 -32.00 10.01 3.13
C SER A 77 -30.66 10.57 3.63
N LYS A 78 -29.70 9.69 3.94
CA LYS A 78 -28.38 10.11 4.39
C LYS A 78 -27.32 9.94 3.31
N ARG A 79 -27.75 9.61 2.09
CA ARG A 79 -26.87 9.27 0.98
C ARG A 79 -25.75 8.32 1.41
N SER A 80 -26.11 7.32 2.23
CA SER A 80 -25.12 6.46 2.87
C SER A 80 -25.38 4.97 2.66
N VAL A 81 -24.28 4.22 2.58
CA VAL A 81 -24.32 2.77 2.59
C VAL A 81 -23.45 2.31 3.77
N TYR A 82 -23.91 1.28 4.48
CA TYR A 82 -23.26 0.84 5.71
C TYR A 82 -22.87 -0.63 5.62
N LEU A 83 -21.75 -0.98 6.24
CA LEU A 83 -21.37 -2.37 6.43
C LEU A 83 -21.27 -2.63 7.93
N GLN A 84 -22.25 -3.36 8.47
CA GLN A 84 -22.21 -3.81 9.85
C GLN A 84 -21.42 -5.11 9.89
N MET A 85 -20.26 -5.08 10.56
CA MET A 85 -19.40 -6.24 10.70
C MET A 85 -19.55 -6.78 12.12
N ASN A 86 -19.61 -8.11 12.25
CA ASN A 86 -19.74 -8.75 13.55
C ASN A 86 -18.90 -10.02 13.59
N ASN A 87 -18.69 -10.52 14.81
CA ASN A 87 -17.86 -11.70 15.03
C ASN A 87 -16.57 -11.61 14.22
N LEU A 88 -15.87 -10.48 14.36
CA LEU A 88 -14.72 -10.18 13.53
C LEU A 88 -13.53 -11.11 13.81
N ARG A 89 -12.77 -11.40 12.75
CA ARG A 89 -11.63 -12.29 12.83
C ARG A 89 -10.38 -11.63 12.24
N ALA A 90 -9.21 -12.18 12.54
CA ALA A 90 -7.95 -11.64 12.05
C ALA A 90 -7.94 -11.45 10.53
N GLU A 91 -8.58 -12.38 9.81
CA GLU A 91 -8.63 -12.33 8.35
C GLU A 91 -9.51 -11.20 7.81
N ASP A 92 -10.29 -10.55 8.70
CA ASP A 92 -11.10 -9.40 8.31
C ASP A 92 -10.31 -8.09 8.29
N THR A 93 -9.05 -8.13 8.76
CA THR A 93 -8.17 -6.98 8.78
C THR A 93 -7.87 -6.50 7.36
N GLY A 94 -8.03 -5.20 7.14
CA GLY A 94 -7.67 -4.61 5.86
C GLY A 94 -8.29 -3.23 5.63
N ILE A 95 -7.99 -2.65 4.47
CA ILE A 95 -8.55 -1.37 4.06
C ILE A 95 -9.85 -1.70 3.36
N TYR A 96 -10.96 -1.15 3.88
CA TYR A 96 -12.28 -1.37 3.30
C TYR A 96 -12.65 -0.20 2.42
N PHE A 97 -12.99 -0.50 1.16
CA PHE A 97 -13.39 0.47 0.16
C PHE A 97 -14.84 0.23 -0.22
N CYS A 98 -15.60 1.32 -0.40
CA CYS A 98 -16.88 1.24 -1.08
C CYS A 98 -16.66 1.68 -2.52
N SER A 99 -17.41 1.08 -3.44
CA SER A 99 -17.29 1.37 -4.85
C SER A 99 -18.66 1.30 -5.51
N LEU A 100 -18.95 2.27 -6.39
CA LEU A 100 -20.20 2.30 -7.13
C LEU A 100 -19.99 1.51 -8.42
N TRP A 101 -20.75 0.42 -8.56
CA TRP A 101 -20.64 -0.50 -9.68
C TRP A 101 -21.87 -0.40 -10.58
N GLN A 102 -21.64 -0.32 -11.90
CA GLN A 102 -22.69 -0.56 -12.88
C GLN A 102 -21.97 -1.05 -14.15
N THR A 103 -22.03 -2.36 -14.41
CA THR A 103 -21.20 -3.03 -15.40
C THR A 103 -19.73 -3.10 -14.97
N TRP A 104 -19.16 -1.95 -14.58
CA TRP A 104 -17.78 -1.85 -14.15
C TRP A 104 -17.74 -1.09 -12.82
N PHE A 105 -16.61 -1.16 -12.13
CA PHE A 105 -16.41 -0.42 -10.88
C PHE A 105 -16.07 1.04 -11.25
N ALA A 106 -17.12 1.89 -11.25
CA ALA A 106 -16.98 3.22 -11.82
C ALA A 106 -16.31 4.21 -10.88
N TYR A 107 -16.69 4.21 -9.60
CA TYR A 107 -16.15 5.16 -8.62
C TYR A 107 -15.70 4.43 -7.37
N TRP A 108 -14.61 4.92 -6.76
CA TRP A 108 -14.03 4.33 -5.56
C TRP A 108 -13.80 5.37 -4.47
N GLY A 109 -13.92 4.93 -3.21
CA GLY A 109 -13.57 5.74 -2.06
C GLY A 109 -12.09 5.63 -1.73
N GLN A 110 -11.64 6.38 -0.72
CA GLN A 110 -10.24 6.44 -0.34
C GLN A 110 -9.88 5.30 0.61
N GLY A 111 -10.90 4.69 1.24
CA GLY A 111 -10.73 3.53 2.09
C GLY A 111 -10.71 3.86 3.59
N THR A 112 -10.99 2.83 4.41
CA THR A 112 -10.92 2.95 5.87
C THR A 112 -10.34 1.66 6.43
N LEU A 113 -9.35 1.79 7.31
CA LEU A 113 -8.57 0.65 7.77
C LEU A 113 -9.20 0.00 9.00
N VAL A 114 -9.40 -1.32 8.92
CA VAL A 114 -9.93 -2.13 10.01
C VAL A 114 -8.82 -3.04 10.50
N THR A 115 -8.47 -2.92 11.79
CA THR A 115 -7.48 -3.80 12.40
C THR A 115 -8.20 -4.63 13.44
N VAL A 116 -8.27 -5.95 13.20
CA VAL A 116 -8.90 -6.87 14.12
C VAL A 116 -7.79 -7.51 14.95
N SER A 117 -7.62 -7.02 16.18
CA SER A 117 -6.55 -7.45 17.05
C SER A 117 -6.92 -7.14 18.50
N SER A 118 -6.35 -7.92 19.42
CA SER A 118 -6.50 -7.65 20.84
C SER A 118 -5.24 -7.01 21.42
N ALA A 119 -4.27 -6.70 20.55
CA ALA A 119 -3.02 -6.11 20.98
C ALA A 119 -3.21 -4.67 21.47
N LYS A 120 -2.28 -4.21 22.30
CA LYS A 120 -2.36 -2.93 22.97
C LYS A 120 -2.11 -1.80 21.97
N THR A 121 -2.92 -0.75 22.07
CA THR A 121 -2.69 0.48 21.32
C THR A 121 -1.40 1.09 21.85
N THR A 122 -0.37 1.17 20.99
CA THR A 122 0.94 1.64 21.39
C THR A 122 1.25 2.92 20.61
N PRO A 123 1.51 4.06 21.28
CA PRO A 123 1.95 5.27 20.60
C PRO A 123 3.37 5.09 20.06
N PRO A 124 3.75 5.83 18.98
CA PRO A 124 5.09 5.74 18.40
C PRO A 124 6.19 6.33 19.29
N SER A 125 7.39 5.77 19.20
CA SER A 125 8.60 6.47 19.58
C SER A 125 9.16 7.12 18.33
N VAL A 126 9.53 8.42 18.41
CA VAL A 126 10.07 9.10 17.25
C VAL A 126 11.53 9.48 17.48
N TYR A 127 12.40 8.92 16.66
CA TYR A 127 13.83 9.10 16.79
C TYR A 127 14.40 9.83 15.57
N PRO A 128 15.38 10.74 15.77
CA PRO A 128 15.98 11.45 14.64
C PRO A 128 16.96 10.55 13.90
N LEU A 129 16.99 10.71 12.58
CA LEU A 129 17.99 10.07 11.74
C LEU A 129 18.85 11.18 11.15
N ALA A 130 20.09 11.30 11.65
CA ALA A 130 21.01 12.32 11.17
C ALA A 130 22.26 11.66 10.60
N PRO A 131 23.00 12.34 9.69
CA PRO A 131 24.16 11.73 9.07
C PRO A 131 25.20 11.42 10.16
N GLY A 132 25.72 10.20 10.14
CA GLY A 132 26.78 9.87 11.11
C GLY A 132 28.14 10.27 10.59
N SER A 139 26.60 18.48 -1.65
CA SER A 139 25.53 19.28 -2.26
C SER A 139 24.33 19.36 -1.33
N MET A 140 23.79 18.18 -0.98
CA MET A 140 22.58 18.07 -0.20
C MET A 140 22.76 16.97 0.84
N VAL A 141 21.90 16.98 1.86
CA VAL A 141 22.00 16.05 2.96
C VAL A 141 20.64 15.43 3.21
N THR A 142 20.61 14.11 3.41
CA THR A 142 19.36 13.42 3.69
C THR A 142 19.23 13.21 5.20
N LEU A 143 18.13 13.75 5.75
CA LEU A 143 17.78 13.62 7.15
C LEU A 143 16.57 12.71 7.23
N GLY A 144 16.32 12.13 8.40
CA GLY A 144 15.17 11.26 8.55
C GLY A 144 14.51 11.26 9.94
N CYS A 145 13.51 10.39 10.04
CA CYS A 145 12.58 10.35 11.15
C CYS A 145 12.21 8.87 11.26
N LEU A 146 12.65 8.23 12.35
CA LEU A 146 12.30 6.84 12.62
C LEU A 146 11.10 6.81 13.57
N VAL A 147 9.99 6.24 13.09
CA VAL A 147 8.75 6.15 13.86
C VAL A 147 8.54 4.71 14.32
N LYS A 148 9.03 4.42 15.52
CA LYS A 148 9.22 3.04 15.94
C LYS A 148 8.19 2.58 16.96
N GLY A 149 7.64 1.38 16.71
CA GLY A 149 6.88 0.65 17.72
C GLY A 149 5.51 1.22 18.06
N TYR A 150 4.68 1.40 17.02
CA TYR A 150 3.31 1.86 17.22
C TYR A 150 2.32 0.78 16.78
N PHE A 151 1.08 0.91 17.27
CA PHE A 151 0.00 -0.01 16.95
C PHE A 151 -1.32 0.64 17.31
N PRO A 152 -2.38 0.56 16.47
CA PRO A 152 -2.28 0.04 15.09
C PRO A 152 -1.83 1.09 14.09
N GLU A 153 -1.89 0.75 12.80
CA GLU A 153 -1.72 1.73 11.74
C GLU A 153 -2.93 2.67 11.71
N PRO A 154 -2.87 3.88 11.10
CA PRO A 154 -1.65 4.42 10.49
C PRO A 154 -0.93 5.46 11.35
N VAL A 155 0.22 5.95 10.86
CA VAL A 155 0.76 7.23 11.30
C VAL A 155 0.82 8.16 10.09
N THR A 156 1.03 9.46 10.36
CA THR A 156 1.29 10.43 9.32
C THR A 156 2.55 11.20 9.70
N VAL A 157 3.38 11.52 8.71
CA VAL A 157 4.62 12.25 8.97
C VAL A 157 4.64 13.48 8.05
N THR A 158 4.92 14.66 8.62
CA THR A 158 5.19 15.85 7.83
C THR A 158 6.56 16.41 8.24
N TRP A 159 7.05 17.40 7.50
CA TRP A 159 8.32 18.03 7.77
C TRP A 159 8.19 19.56 7.83
N ASN A 160 8.66 20.16 8.94
CA ASN A 160 8.44 21.56 9.23
C ASN A 160 6.98 21.93 9.02
N SER A 161 6.08 21.10 9.56
CA SER A 161 4.64 21.26 9.47
C SER A 161 4.11 21.36 8.03
N GLY A 162 4.72 20.59 7.11
CA GLY A 162 4.30 20.55 5.73
C GLY A 162 4.96 21.61 4.83
N SER A 163 5.64 22.58 5.46
CA SER A 163 6.33 23.63 4.73
C SER A 163 7.62 23.13 4.08
N LEU A 164 8.07 21.94 4.47
CA LEU A 164 9.16 21.28 3.78
C LEU A 164 8.58 20.10 3.01
N SER A 165 8.15 20.28 1.76
CA SER A 165 7.46 19.15 1.08
C SER A 165 8.31 18.44 0.02
N SER A 166 9.37 19.07 -0.45
CA SER A 166 10.12 18.50 -1.60
C SER A 166 11.33 17.70 -1.11
N GLY A 167 11.47 16.48 -1.61
CA GLY A 167 12.56 15.60 -1.13
C GLY A 167 12.02 14.67 -0.06
N VAL A 168 10.71 14.72 0.18
CA VAL A 168 10.13 13.92 1.29
C VAL A 168 9.66 12.55 0.79
N HIS A 169 10.16 11.50 1.42
CA HIS A 169 9.72 10.14 1.14
C HIS A 169 9.35 9.47 2.46
N THR A 170 8.13 8.94 2.53
CA THR A 170 7.71 8.15 3.68
C THR A 170 7.51 6.71 3.22
N PHE A 171 8.19 5.78 3.90
CA PHE A 171 8.29 4.40 3.44
C PHE A 171 7.22 3.55 4.08
N PRO A 172 6.88 2.38 3.51
CA PRO A 172 5.90 1.47 4.13
C PRO A 172 6.38 0.98 5.50
N ALA A 173 5.42 0.69 6.37
CA ALA A 173 5.73 0.17 7.69
C ALA A 173 6.14 -1.29 7.58
N VAL A 174 7.01 -1.74 8.49
CA VAL A 174 7.22 -3.16 8.73
C VAL A 174 6.53 -3.51 10.04
N LEU A 175 6.19 -4.79 10.22
CA LEU A 175 5.42 -5.25 11.35
C LEU A 175 6.20 -6.36 12.05
N GLN A 176 6.39 -6.20 13.37
CA GLN A 176 7.13 -7.16 14.19
C GLN A 176 6.50 -7.15 15.59
N SER A 177 6.02 -8.33 16.03
CA SER A 177 5.53 -8.50 17.39
C SER A 177 4.46 -7.47 17.74
N ASP A 178 3.48 -7.33 16.83
CA ASP A 178 2.34 -6.44 16.97
C ASP A 178 2.72 -4.97 17.08
N LEU A 179 3.89 -4.63 16.51
CA LEU A 179 4.36 -3.25 16.49
C LEU A 179 4.84 -2.92 15.09
N TYR A 180 4.36 -1.77 14.59
CA TYR A 180 4.79 -1.26 13.31
C TYR A 180 5.95 -0.28 13.49
N THR A 181 6.74 -0.14 12.42
CA THR A 181 7.83 0.80 12.34
C THR A 181 7.90 1.29 10.90
N LEU A 182 8.03 2.61 10.73
CA LEU A 182 8.37 3.17 9.44
C LEU A 182 9.35 4.32 9.61
N SER A 183 9.89 4.77 8.48
CA SER A 183 10.79 5.90 8.42
C SER A 183 10.30 6.89 7.38
N SER A 184 10.76 8.14 7.54
CA SER A 184 10.54 9.20 6.58
C SER A 184 11.86 9.95 6.42
N SER A 185 12.24 10.23 5.17
CA SER A 185 13.45 10.98 4.89
C SER A 185 13.12 12.27 4.14
N VAL A 186 14.03 13.24 4.24
CA VAL A 186 13.93 14.49 3.51
C VAL A 186 15.32 14.90 3.07
N THR A 187 15.43 15.48 1.87
CA THR A 187 16.70 15.98 1.37
C THR A 187 16.64 17.50 1.24
N VAL A 188 17.65 18.16 1.80
CA VAL A 188 17.75 19.61 1.83
C VAL A 188 19.19 19.98 1.50
N PRO A 189 19.47 21.24 1.08
CA PRO A 189 20.85 21.65 0.80
C PRO A 189 21.74 21.63 2.04
N SER A 190 23.01 21.28 1.86
CA SER A 190 23.98 21.23 2.95
C SER A 190 24.19 22.59 3.62
N SER A 191 24.02 23.66 2.84
CA SER A 191 24.11 25.03 3.36
C SER A 191 22.99 25.40 4.33
N THR A 192 21.82 24.75 4.20
CA THR A 192 20.65 25.10 5.01
C THR A 192 20.48 24.27 6.28
N TRP A 193 21.23 23.16 6.39
CA TRP A 193 21.22 22.35 7.59
C TRP A 193 22.65 22.16 8.08
N PRO A 194 22.95 22.29 9.40
CA PRO A 194 21.93 22.48 10.44
C PRO A 194 21.51 23.92 10.76
N SER A 195 21.96 24.88 9.96
CA SER A 195 21.76 26.30 10.26
C SER A 195 20.30 26.75 10.27
N GLU A 196 19.45 26.04 9.51
CA GLU A 196 18.00 26.16 9.64
C GLU A 196 17.50 24.83 10.19
N THR A 197 16.53 24.91 11.11
CA THR A 197 16.06 23.73 11.83
C THR A 197 15.16 22.89 10.92
N VAL A 198 15.29 21.55 11.04
CA VAL A 198 14.42 20.63 10.35
C VAL A 198 13.77 19.71 11.38
N THR A 199 12.43 19.66 11.39
CA THR A 199 11.68 18.88 12.37
C THR A 199 10.59 18.04 11.72
N CYS A 200 10.52 16.74 12.07
CA CYS A 200 9.40 15.93 11.62
C CYS A 200 8.26 15.98 12.63
N ASN A 201 7.04 15.92 12.09
CA ASN A 201 5.80 15.98 12.85
C ASN A 201 5.04 14.68 12.59
N VAL A 202 4.93 13.85 13.64
CA VAL A 202 4.27 12.56 13.57
C VAL A 202 2.93 12.62 14.29
N ALA A 203 1.86 12.16 13.62
CA ALA A 203 0.59 11.93 14.27
C ALA A 203 0.24 10.44 14.22
N HIS A 204 -0.22 9.90 15.36
CA HIS A 204 -0.77 8.55 15.45
C HIS A 204 -2.21 8.67 15.95
N PRO A 205 -3.21 8.75 15.05
CA PRO A 205 -4.60 8.97 15.46
C PRO A 205 -5.13 7.99 16.51
N ALA A 206 -4.72 6.73 16.41
CA ALA A 206 -5.28 5.68 17.25
C ALA A 206 -5.04 5.93 18.74
N SER A 207 -3.91 6.58 19.06
CA SER A 207 -3.59 6.91 20.44
C SER A 207 -3.66 8.41 20.71
N SER A 208 -4.26 9.16 19.77
CA SER A 208 -4.34 10.62 19.83
C SER A 208 -2.98 11.26 20.12
N THR A 209 -1.94 10.78 19.42
CA THR A 209 -0.59 11.23 19.66
C THR A 209 -0.14 12.20 18.57
N LYS A 210 0.54 13.28 18.97
CA LYS A 210 1.27 14.14 18.05
C LYS A 210 2.64 14.43 18.63
N VAL A 211 3.69 14.22 17.83
CA VAL A 211 5.05 14.46 18.24
C VAL A 211 5.75 15.32 17.19
N ASP A 212 6.62 16.21 17.67
CA ASP A 212 7.53 16.97 16.81
C ASP A 212 8.94 16.61 17.26
N LYS A 213 9.78 16.20 16.30
CA LYS A 213 11.17 15.86 16.60
C LYS A 213 12.10 16.67 15.71
N LYS A 214 12.89 17.54 16.35
CA LYS A 214 13.87 18.35 15.67
C LYS A 214 15.10 17.49 15.38
N ILE A 215 15.63 17.59 14.16
CA ILE A 215 16.80 16.81 13.76
C ILE A 215 18.03 17.70 14.00
N VAL A 216 18.94 17.24 14.87
CA VAL A 216 20.15 17.98 15.19
C VAL A 216 21.39 17.13 14.88
N PRO A 217 22.52 17.75 14.46
CA PRO A 217 23.74 17.00 14.15
C PRO A 217 24.27 16.16 15.31
N ARG A 218 24.90 15.04 14.99
CA ARG A 218 25.42 14.09 16.01
C ARG A 218 26.04 12.89 15.30
N GLN B 1 -16.42 -19.79 -3.73
CA GLN B 1 -15.38 -20.78 -3.50
C GLN B 1 -14.42 -20.96 -4.68
N ALA B 2 -14.80 -20.46 -5.86
CA ALA B 2 -13.88 -20.47 -6.98
C ALA B 2 -12.64 -19.65 -6.62
N VAL B 3 -11.47 -20.13 -7.05
CA VAL B 3 -10.22 -19.38 -6.94
C VAL B 3 -9.90 -18.82 -8.33
N VAL B 4 -9.71 -17.50 -8.39
CA VAL B 4 -9.39 -16.79 -9.63
C VAL B 4 -7.90 -16.46 -9.61
N THR B 5 -7.16 -16.89 -10.65
CA THR B 5 -5.71 -16.73 -10.67
C THR B 5 -5.27 -15.92 -11.89
N GLN B 6 -4.21 -15.13 -11.67
CA GLN B 6 -3.66 -14.25 -12.68
C GLN B 6 -2.14 -14.40 -12.69
N GLU B 7 -1.47 -14.04 -13.79
CA GLU B 7 -0.03 -13.91 -13.80
C GLU B 7 0.33 -12.92 -12.69
N SER B 8 1.41 -13.18 -11.95
CA SER B 8 1.78 -12.27 -10.87
C SER B 8 2.52 -11.03 -11.37
N ALA B 9 3.27 -11.18 -12.49
CA ALA B 9 4.06 -10.08 -13.03
C ALA B 9 4.29 -10.23 -14.53
N LEU B 10 4.15 -9.13 -15.27
CA LEU B 10 4.54 -9.07 -16.68
C LEU B 10 5.27 -7.76 -16.94
N THR B 11 6.16 -7.77 -17.95
CA THR B 11 6.86 -6.59 -18.39
C THR B 11 6.63 -6.33 -19.88
N THR B 12 6.41 -5.05 -20.23
CA THR B 12 6.31 -4.63 -21.61
C THR B 12 7.04 -3.29 -21.75
N SER B 13 6.99 -2.73 -22.97
CA SER B 13 7.57 -1.43 -23.27
C SER B 13 6.54 -0.55 -23.94
N PRO B 14 6.78 0.78 -24.03
CA PRO B 14 5.87 1.67 -24.75
C PRO B 14 5.62 1.26 -26.19
N GLY B 15 4.34 1.21 -26.56
CA GLY B 15 3.93 0.97 -27.93
C GLY B 15 3.65 -0.50 -28.23
N GLU B 16 4.05 -1.37 -27.29
CA GLU B 16 3.90 -2.81 -27.46
C GLU B 16 2.54 -3.29 -27.00
N THR B 17 2.17 -4.49 -27.45
CA THR B 17 0.93 -5.14 -27.05
C THR B 17 1.23 -6.10 -25.91
N VAL B 18 0.36 -6.13 -24.90
CA VAL B 18 0.49 -7.07 -23.80
C VAL B 18 -0.90 -7.60 -23.46
N THR B 19 -0.98 -8.88 -23.07
CA THR B 19 -2.24 -9.49 -22.68
C THR B 19 -2.07 -10.12 -21.29
N LEU B 20 -2.98 -9.76 -20.38
CA LEU B 20 -3.07 -10.33 -19.05
C LEU B 20 -4.22 -11.33 -19.07
N THR B 21 -4.10 -12.44 -18.32
CA THR B 21 -5.19 -13.41 -18.25
C THR B 21 -5.66 -13.73 -16.84
N CYS B 22 -6.78 -14.46 -16.78
CA CYS B 22 -7.57 -14.58 -15.58
C CYS B 22 -8.32 -15.91 -15.61
N ARG B 23 -7.84 -16.87 -14.82
CA ARG B 23 -8.35 -18.22 -14.84
C ARG B 23 -9.30 -18.45 -13.66
N SER B 24 -10.38 -19.21 -13.91
CA SER B 24 -11.27 -19.68 -12.87
C SER B 24 -11.01 -21.15 -12.57
N SER B 25 -10.90 -21.48 -11.27
CA SER B 25 -10.64 -22.84 -10.83
C SER B 25 -11.78 -23.80 -11.14
N THR B 26 -12.98 -23.26 -11.37
CA THR B 26 -14.18 -24.06 -11.62
C THR B 26 -14.28 -24.59 -13.05
N GLY B 27 -13.49 -24.00 -13.95
CA GLY B 27 -13.49 -24.38 -15.35
C GLY B 27 -13.33 -23.15 -16.24
N ALA B 28 -13.84 -23.25 -17.47
CA ALA B 28 -13.67 -22.19 -18.46
C ALA B 28 -14.39 -20.93 -18.00
N VAL B 29 -13.74 -19.78 -18.21
CA VAL B 29 -14.42 -18.51 -17.98
C VAL B 29 -15.36 -18.28 -19.16
N THR B 30 -16.61 -17.89 -18.86
CA THR B 30 -17.60 -17.65 -19.90
C THR B 30 -18.13 -16.23 -19.75
N THR B 31 -18.97 -15.80 -20.70
CA THR B 31 -19.57 -14.49 -20.60
C THR B 31 -20.49 -14.37 -19.40
N SER B 32 -20.96 -15.52 -18.87
CA SER B 32 -21.73 -15.60 -17.64
C SER B 32 -20.96 -15.25 -16.38
N ASN B 33 -19.63 -15.13 -16.50
CA ASN B 33 -18.80 -14.66 -15.41
C ASN B 33 -18.58 -13.15 -15.47
N TYR B 34 -19.15 -12.50 -16.50
CA TYR B 34 -19.15 -11.05 -16.62
C TYR B 34 -17.84 -10.44 -16.14
N ALA B 35 -16.72 -10.89 -16.72
CA ALA B 35 -15.41 -10.51 -16.21
C ALA B 35 -15.23 -9.00 -16.11
N ASN B 36 -14.75 -8.58 -14.94
CA ASN B 36 -14.40 -7.20 -14.65
C ASN B 36 -12.88 -7.03 -14.53
N TRP B 37 -12.36 -5.88 -14.99
CA TRP B 37 -10.96 -5.55 -14.80
C TRP B 37 -10.82 -4.21 -14.11
N VAL B 38 -9.98 -4.18 -13.06
CA VAL B 38 -9.75 -2.97 -12.27
C VAL B 38 -8.26 -2.69 -12.20
N GLN B 39 -7.89 -1.42 -12.41
CA GLN B 39 -6.51 -0.98 -12.31
C GLN B 39 -6.30 -0.37 -10.93
N GLU B 40 -5.24 -0.81 -10.24
CA GLU B 40 -4.82 -0.16 -9.00
C GLU B 40 -3.53 0.61 -9.24
N LYS B 41 -3.61 1.93 -9.09
CA LYS B 41 -2.41 2.75 -9.06
C LYS B 41 -2.08 3.16 -7.63
N PRO B 42 -0.82 3.60 -7.36
CA PRO B 42 -0.37 3.90 -6.01
C PRO B 42 -1.22 4.92 -5.27
N ASP B 43 -1.25 4.80 -3.93
CA ASP B 43 -2.17 5.50 -3.05
C ASP B 43 -3.63 5.10 -3.29
N HIS B 44 -3.83 3.81 -3.63
CA HIS B 44 -5.14 3.18 -3.73
C HIS B 44 -6.05 3.89 -4.71
N LEU B 45 -5.50 4.31 -5.86
CA LEU B 45 -6.27 4.95 -6.90
C LEU B 45 -6.75 3.84 -7.84
N PHE B 46 -8.04 3.48 -7.72
CA PHE B 46 -8.64 2.42 -8.50
C PHE B 46 -9.45 2.97 -9.67
N THR B 47 -9.38 2.27 -10.80
CA THR B 47 -10.12 2.63 -12.00
C THR B 47 -10.72 1.36 -12.59
N GLY B 48 -12.05 1.33 -12.73
CA GLY B 48 -12.71 0.27 -13.46
C GLY B 48 -12.46 0.43 -14.95
N LEU B 49 -11.89 -0.62 -15.57
CA LEU B 49 -11.52 -0.58 -16.98
C LEU B 49 -12.55 -1.27 -17.89
N ILE B 50 -12.94 -2.47 -17.46
CA ILE B 50 -13.76 -3.38 -18.25
C ILE B 50 -14.80 -3.99 -17.33
N GLY B 51 -16.04 -4.09 -17.83
CA GLY B 51 -17.08 -4.90 -17.22
C GLY B 51 -17.74 -5.74 -18.32
N GLY B 52 -18.56 -6.72 -17.91
CA GLY B 52 -19.23 -7.62 -18.84
C GLY B 52 -18.30 -8.17 -19.93
N THR B 53 -17.13 -8.68 -19.49
CA THR B 53 -16.10 -9.25 -20.35
C THR B 53 -15.34 -8.27 -21.23
N ASN B 54 -16.08 -7.50 -22.05
CA ASN B 54 -15.49 -6.67 -23.08
C ASN B 54 -16.02 -5.22 -23.18
N ASN B 55 -16.79 -4.76 -22.20
CA ASN B 55 -17.33 -3.39 -22.22
C ASN B 55 -16.41 -2.42 -21.49
N ARG B 56 -15.85 -1.47 -22.24
CA ARG B 56 -14.89 -0.53 -21.71
C ARG B 56 -15.59 0.67 -21.09
N ALA B 57 -15.17 1.04 -19.87
CA ALA B 57 -15.79 2.16 -19.16
C ALA B 57 -15.47 3.47 -19.88
N PRO B 58 -16.40 4.47 -19.86
CA PRO B 58 -16.11 5.77 -20.46
C PRO B 58 -14.91 6.42 -19.77
N GLY B 59 -14.07 7.10 -20.56
CA GLY B 59 -12.86 7.71 -20.04
C GLY B 59 -11.64 6.80 -20.15
N VAL B 60 -11.85 5.48 -20.14
CA VAL B 60 -10.76 4.54 -20.28
C VAL B 60 -10.24 4.57 -21.71
N PRO B 61 -8.91 4.71 -21.94
CA PRO B 61 -8.38 4.81 -23.30
C PRO B 61 -8.75 3.59 -24.16
N ALA B 62 -8.89 3.84 -25.46
CA ALA B 62 -9.26 2.82 -26.43
C ALA B 62 -8.25 1.67 -26.50
N ARG B 63 -7.01 1.90 -26.06
CA ARG B 63 -5.98 0.87 -26.10
C ARG B 63 -6.22 -0.32 -25.17
N PHE B 64 -7.19 -0.19 -24.23
CA PHE B 64 -7.61 -1.29 -23.38
C PHE B 64 -8.79 -2.03 -23.99
N SER B 65 -8.73 -3.37 -24.00
CA SER B 65 -9.85 -4.20 -24.42
C SER B 65 -9.89 -5.48 -23.58
N GLY B 66 -11.10 -5.94 -23.30
CA GLY B 66 -11.30 -7.17 -22.58
C GLY B 66 -11.90 -8.22 -23.53
N SER B 67 -11.62 -9.49 -23.24
CA SER B 67 -12.07 -10.58 -24.09
C SER B 67 -11.96 -11.90 -23.33
N LEU B 68 -12.41 -12.98 -23.96
CA LEU B 68 -12.15 -14.34 -23.51
C LEU B 68 -11.16 -14.93 -24.51
N ILE B 69 -10.04 -15.48 -24.02
CA ILE B 69 -9.05 -16.14 -24.86
C ILE B 69 -8.83 -17.52 -24.26
N GLY B 70 -9.14 -18.55 -25.05
CA GLY B 70 -9.21 -19.91 -24.55
C GLY B 70 -10.25 -20.02 -23.44
N ASP B 71 -9.88 -20.68 -22.34
CA ASP B 71 -10.76 -20.84 -21.19
C ASP B 71 -10.62 -19.70 -20.16
N LYS B 72 -9.97 -18.59 -20.54
CA LYS B 72 -9.66 -17.51 -19.61
C LYS B 72 -10.21 -16.16 -20.04
N ALA B 73 -10.41 -15.26 -19.07
CA ALA B 73 -10.66 -13.87 -19.39
C ALA B 73 -9.32 -13.18 -19.63
N ALA B 74 -9.34 -12.14 -20.46
CA ALA B 74 -8.12 -11.47 -20.84
C ALA B 74 -8.34 -9.97 -20.94
N LEU B 75 -7.30 -9.24 -20.51
CA LEU B 75 -7.19 -7.80 -20.70
C LEU B 75 -5.97 -7.55 -21.58
N THR B 76 -6.16 -6.77 -22.64
CA THR B 76 -5.11 -6.50 -23.60
C THR B 76 -4.88 -5.01 -23.68
N ILE B 77 -3.61 -4.60 -23.66
CA ILE B 77 -3.24 -3.23 -23.94
C ILE B 77 -2.55 -3.22 -25.28
N THR B 78 -3.22 -2.63 -26.28
CA THR B 78 -2.67 -2.53 -27.62
C THR B 78 -2.02 -1.16 -27.77
N GLY B 79 -0.73 -1.08 -27.42
CA GLY B 79 0.04 0.14 -27.48
C GLY B 79 0.23 0.70 -26.07
N ALA B 80 0.94 -0.06 -25.24
CA ALA B 80 1.11 0.24 -23.83
C ALA B 80 1.87 1.56 -23.65
N GLN B 81 1.49 2.31 -22.60
CA GLN B 81 2.14 3.56 -22.26
C GLN B 81 2.75 3.50 -20.87
N THR B 82 3.70 4.40 -20.57
CA THR B 82 4.35 4.45 -19.27
C THR B 82 3.35 4.51 -18.12
N ASP B 83 2.28 5.29 -18.31
CA ASP B 83 1.20 5.42 -17.33
C ASP B 83 0.41 4.15 -17.04
N ASP B 84 0.64 3.08 -17.81
CA ASP B 84 -0.06 1.81 -17.62
C ASP B 84 0.65 0.87 -16.66
N GLU B 85 1.85 1.28 -16.18
CA GLU B 85 2.55 0.58 -15.11
C GLU B 85 1.71 0.68 -13.84
N ALA B 86 1.16 -0.47 -13.44
CA ALA B 86 0.15 -0.51 -12.41
C ALA B 86 -0.14 -1.98 -12.09
N ILE B 87 -1.07 -2.19 -11.14
CA ILE B 87 -1.55 -3.52 -10.82
C ILE B 87 -2.94 -3.65 -11.42
N TYR B 88 -3.18 -4.80 -12.07
CA TYR B 88 -4.44 -5.09 -12.72
C TYR B 88 -5.08 -6.31 -12.07
N PHE B 89 -6.30 -6.13 -11.57
CA PHE B 89 -7.09 -7.21 -10.99
C PHE B 89 -8.23 -7.59 -11.91
N CYS B 90 -8.51 -8.89 -12.01
CA CYS B 90 -9.76 -9.34 -12.61
C CYS B 90 -10.70 -9.78 -11.50
N ALA B 91 -12.00 -9.75 -11.80
CA ALA B 91 -13.02 -10.23 -10.89
C ALA B 91 -14.09 -10.94 -11.71
N LEU B 92 -14.42 -12.16 -11.28
CA LEU B 92 -15.41 -12.98 -11.97
C LEU B 92 -16.66 -13.12 -11.10
N TRP B 93 -17.82 -13.03 -11.75
CA TRP B 93 -19.12 -13.21 -11.13
C TRP B 93 -19.60 -14.67 -11.24
N TYR B 94 -20.11 -15.20 -10.11
CA TYR B 94 -20.60 -16.55 -10.01
C TYR B 94 -22.05 -16.54 -9.50
N SER B 95 -22.89 -15.78 -10.18
CA SER B 95 -24.34 -15.75 -10.00
C SER B 95 -24.80 -14.97 -8.77
N ASN B 96 -24.13 -15.19 -7.64
CA ASN B 96 -24.48 -14.48 -6.43
C ASN B 96 -23.28 -14.05 -5.60
N HIS B 97 -22.08 -14.04 -6.22
CA HIS B 97 -20.89 -13.57 -5.54
C HIS B 97 -19.82 -13.26 -6.59
N LEU B 98 -18.93 -12.33 -6.20
CA LEU B 98 -17.81 -11.91 -7.03
C LEU B 98 -16.54 -12.47 -6.40
N VAL B 99 -15.56 -12.82 -7.24
CA VAL B 99 -14.28 -13.30 -6.76
C VAL B 99 -13.18 -12.55 -7.50
N PHE B 100 -12.29 -11.92 -6.73
CA PHE B 100 -11.13 -11.24 -7.31
C PHE B 100 -9.96 -12.20 -7.44
N GLY B 101 -9.24 -12.10 -8.56
CA GLY B 101 -7.91 -12.68 -8.68
C GLY B 101 -6.88 -11.95 -7.83
N GLY B 102 -5.65 -12.51 -7.79
CA GLY B 102 -4.56 -11.96 -7.00
C GLY B 102 -3.83 -10.76 -7.60
N GLY B 103 -4.17 -10.39 -8.84
CA GLY B 103 -3.61 -9.20 -9.46
C GLY B 103 -2.31 -9.48 -10.19
N THR B 104 -2.09 -8.71 -11.28
CA THR B 104 -0.86 -8.73 -12.06
C THR B 104 -0.15 -7.39 -11.97
N LYS B 105 1.12 -7.40 -11.56
CA LYS B 105 1.94 -6.20 -11.65
C LYS B 105 2.47 -6.10 -13.07
N LEU B 106 1.96 -5.10 -13.81
CA LEU B 106 2.50 -4.74 -15.11
C LEU B 106 3.60 -3.69 -14.97
N THR B 107 4.79 -4.03 -15.44
CA THR B 107 5.88 -3.07 -15.60
C THR B 107 5.90 -2.62 -17.05
N VAL B 108 5.93 -1.31 -17.25
CA VAL B 108 6.05 -0.70 -18.57
C VAL B 108 7.33 0.14 -18.61
N LEU B 109 8.36 -0.40 -19.27
CA LEU B 109 9.69 0.20 -19.28
C LEU B 109 9.73 1.47 -20.12
N GLY B 110 9.04 2.52 -19.65
CA GLY B 110 8.98 3.80 -20.33
C GLY B 110 9.97 4.84 -19.79
N GLN B 111 10.29 4.73 -18.49
CA GLN B 111 11.20 5.65 -17.83
C GLN B 111 12.63 5.19 -18.06
N PRO B 112 13.63 6.10 -18.02
CA PRO B 112 15.01 5.66 -18.11
C PRO B 112 15.40 4.94 -16.82
N LYS B 113 16.40 4.05 -16.91
CA LYS B 113 16.91 3.37 -15.75
C LYS B 113 17.39 4.42 -14.75
N SER B 114 17.17 4.17 -13.45
CA SER B 114 17.62 5.07 -12.42
C SER B 114 18.20 4.26 -11.25
N SER B 115 19.50 4.45 -10.99
CA SER B 115 20.14 3.77 -9.88
C SER B 115 19.63 4.31 -8.54
N PRO B 116 19.55 3.47 -7.48
CA PRO B 116 19.10 3.94 -6.17
C PRO B 116 20.01 4.96 -5.52
N SER B 117 19.40 5.97 -4.87
CA SER B 117 20.10 6.79 -3.89
C SER B 117 20.01 6.11 -2.53
N VAL B 118 21.16 5.77 -1.95
CA VAL B 118 21.19 5.04 -0.69
C VAL B 118 21.74 5.95 0.42
N THR B 119 21.08 5.90 1.57
CA THR B 119 21.53 6.59 2.77
C THR B 119 21.46 5.62 3.95
N LEU B 120 22.54 5.54 4.72
CA LEU B 120 22.54 4.72 5.93
C LEU B 120 22.61 5.62 7.15
N PHE B 121 21.69 5.39 8.10
CA PHE B 121 21.63 6.13 9.34
C PHE B 121 22.03 5.26 10.55
N PRO B 122 22.90 5.77 11.45
CA PRO B 122 23.20 5.07 12.69
C PRO B 122 22.02 5.17 13.66
N PRO B 123 22.04 4.40 14.77
CA PRO B 123 21.06 4.58 15.84
C PRO B 123 21.17 5.97 16.46
N SER B 124 20.03 6.52 16.88
CA SER B 124 19.99 7.76 17.66
C SER B 124 20.41 7.46 19.09
N SER B 125 21.07 8.42 19.74
CA SER B 125 21.41 8.26 21.15
C SER B 125 20.16 8.10 22.01
N GLU B 126 19.04 8.71 21.58
CA GLU B 126 17.79 8.55 22.31
C GLU B 126 17.32 7.10 22.32
N GLU B 127 17.42 6.42 21.16
CA GLU B 127 17.08 5.02 21.05
C GLU B 127 18.01 4.15 21.89
N LEU B 128 19.32 4.42 21.80
CA LEU B 128 20.32 3.70 22.57
C LEU B 128 20.07 3.73 24.08
N GLU B 129 19.47 4.83 24.57
CA GLU B 129 19.02 4.91 25.95
C GLU B 129 18.00 3.83 26.33
N THR B 130 17.27 3.30 25.34
CA THR B 130 16.36 2.19 25.57
C THR B 130 17.05 0.83 25.47
N ASN B 131 18.38 0.83 25.28
CA ASN B 131 19.17 -0.38 25.06
C ASN B 131 18.91 -1.07 23.73
N LYS B 132 18.40 -0.30 22.75
CA LYS B 132 18.11 -0.79 21.42
C LYS B 132 18.89 0.01 20.39
N ALA B 133 19.20 -0.62 19.26
CA ALA B 133 19.88 0.05 18.17
C ALA B 133 19.26 -0.37 16.83
N THR B 134 18.78 0.62 16.07
CA THR B 134 18.22 0.38 14.75
C THR B 134 19.01 1.18 13.73
N LEU B 135 19.59 0.50 12.75
CA LEU B 135 20.14 1.18 11.59
C LEU B 135 19.06 1.18 10.52
N VAL B 136 18.94 2.32 9.84
CA VAL B 136 17.95 2.52 8.79
C VAL B 136 18.69 2.81 7.50
N CYS B 137 18.39 2.01 6.48
CA CYS B 137 18.92 2.22 5.14
C CYS B 137 17.79 2.65 4.21
N THR B 138 17.78 3.93 3.82
CA THR B 138 16.79 4.41 2.87
C THR B 138 17.30 4.28 1.44
N ILE B 139 16.36 3.95 0.55
CA ILE B 139 16.66 3.66 -0.85
C ILE B 139 15.59 4.33 -1.73
N THR B 140 15.99 5.30 -2.54
CA THR B 140 15.03 6.09 -3.31
C THR B 140 15.41 6.25 -4.78
N ASP B 141 14.43 6.70 -5.57
CA ASP B 141 14.65 7.13 -6.93
C ASP B 141 15.29 6.04 -7.80
N PHE B 142 14.85 4.79 -7.63
CA PHE B 142 15.27 3.75 -8.55
C PHE B 142 14.15 3.31 -9.49
N TYR B 143 14.55 2.94 -10.71
CA TYR B 143 13.66 2.38 -11.71
C TYR B 143 14.49 1.45 -12.58
N PRO B 144 14.04 0.22 -12.92
CA PRO B 144 12.79 -0.36 -12.40
C PRO B 144 12.80 -0.68 -10.90
N GLY B 145 11.63 -1.09 -10.39
CA GLY B 145 11.37 -1.15 -8.96
C GLY B 145 11.73 -2.49 -8.30
N VAL B 146 12.92 -3.01 -8.62
CA VAL B 146 13.41 -4.24 -8.03
C VAL B 146 14.80 -4.00 -7.47
N VAL B 147 15.02 -4.36 -6.20
CA VAL B 147 16.32 -4.27 -5.55
C VAL B 147 16.53 -5.51 -4.69
N THR B 148 17.82 -5.84 -4.49
CA THR B 148 18.23 -6.72 -3.40
C THR B 148 19.05 -5.91 -2.41
N VAL B 149 18.78 -6.13 -1.11
CA VAL B 149 19.46 -5.44 -0.04
C VAL B 149 20.17 -6.47 0.82
N ASP B 150 21.49 -6.28 1.01
CA ASP B 150 22.32 -7.12 1.85
C ASP B 150 22.98 -6.24 2.91
N TRP B 151 23.10 -6.75 4.14
CA TRP B 151 23.81 -6.04 5.20
C TRP B 151 25.10 -6.77 5.57
N LYS B 152 26.10 -5.98 5.99
CA LYS B 152 27.31 -6.52 6.58
C LYS B 152 27.59 -5.81 7.90
N VAL B 153 28.13 -6.60 8.84
CA VAL B 153 28.69 -6.05 10.08
C VAL B 153 30.12 -6.54 10.18
N ASP B 154 31.07 -5.59 10.25
CA ASP B 154 32.49 -5.89 10.36
C ASP B 154 32.97 -6.79 9.21
N GLY B 155 32.43 -6.52 8.00
CA GLY B 155 32.78 -7.27 6.80
C GLY B 155 32.07 -8.60 6.59
N THR B 156 31.21 -9.00 7.54
CA THR B 156 30.52 -10.28 7.51
C THR B 156 29.05 -10.08 7.14
N PRO B 157 28.50 -10.84 6.16
CA PRO B 157 27.07 -10.82 5.89
C PRO B 157 26.22 -11.09 7.14
N VAL B 158 25.23 -10.24 7.36
CA VAL B 158 24.22 -10.43 8.38
C VAL B 158 23.14 -11.33 7.81
N THR B 159 22.71 -12.32 8.61
CA THR B 159 21.64 -13.24 8.24
C THR B 159 20.46 -13.18 9.20
N GLN B 160 20.41 -12.14 10.05
CA GLN B 160 19.48 -12.09 11.17
C GLN B 160 19.22 -10.66 11.59
N GLY B 161 17.98 -10.35 12.00
CA GLY B 161 17.64 -9.03 12.51
C GLY B 161 17.39 -7.97 11.43
N MET B 162 17.22 -8.41 10.17
CA MET B 162 17.02 -7.52 9.03
C MET B 162 15.57 -7.53 8.55
N GLU B 163 15.13 -6.39 8.02
CA GLU B 163 13.78 -6.24 7.54
C GLU B 163 13.79 -5.22 6.40
N THR B 164 13.39 -5.65 5.19
CA THR B 164 13.33 -4.76 4.03
C THR B 164 11.89 -4.68 3.53
N THR B 165 11.44 -3.46 3.19
CA THR B 165 10.12 -3.26 2.64
C THR B 165 10.12 -3.61 1.15
N GLN B 166 8.98 -4.07 0.65
CA GLN B 166 8.78 -4.18 -0.79
C GLN B 166 8.90 -2.79 -1.42
N PRO B 167 9.51 -2.69 -2.63
CA PRO B 167 9.51 -1.42 -3.37
C PRO B 167 8.08 -0.87 -3.52
N SER B 168 7.93 0.44 -3.27
CA SER B 168 6.66 1.11 -3.48
C SER B 168 6.91 2.35 -4.34
N LYS B 169 5.90 2.75 -5.12
CA LYS B 169 6.04 3.86 -6.04
C LYS B 169 6.18 5.18 -5.30
N GLN B 170 7.14 6.00 -5.70
CA GLN B 170 7.19 7.37 -5.26
C GLN B 170 6.21 8.19 -6.08
N SER B 171 5.94 9.41 -5.61
CA SER B 171 5.07 10.35 -6.32
C SER B 171 5.58 10.63 -7.73
N ASN B 172 6.91 10.63 -7.93
CA ASN B 172 7.51 10.86 -9.23
C ASN B 172 7.62 9.62 -10.13
N ASN B 173 7.00 8.51 -9.71
CA ASN B 173 6.96 7.26 -10.46
C ASN B 173 8.27 6.47 -10.52
N LYS B 174 9.29 6.87 -9.74
CA LYS B 174 10.41 5.99 -9.45
C LYS B 174 9.99 5.20 -8.22
N TYR B 175 10.88 4.33 -7.74
CA TYR B 175 10.57 3.50 -6.58
C TYR B 175 11.45 3.80 -5.38
N MET B 176 10.91 3.50 -4.19
CA MET B 176 11.62 3.62 -2.92
C MET B 176 11.49 2.33 -2.10
N ALA B 177 12.45 2.12 -1.20
CA ALA B 177 12.37 1.05 -0.22
C ALA B 177 13.22 1.46 0.97
N SER B 178 12.99 0.78 2.11
CA SER B 178 13.77 0.99 3.32
C SER B 178 14.13 -0.38 3.90
N SER B 179 15.32 -0.46 4.50
CA SER B 179 15.74 -1.65 5.21
C SER B 179 16.21 -1.28 6.61
N TYR B 180 15.96 -2.20 7.56
CA TYR B 180 16.28 -1.99 8.96
C TYR B 180 17.18 -3.10 9.48
N LEU B 181 18.28 -2.72 10.13
CA LEU B 181 19.07 -3.68 10.88
C LEU B 181 18.81 -3.40 12.36
N THR B 182 18.21 -4.38 13.05
CA THR B 182 17.86 -4.25 14.44
C THR B 182 18.84 -5.01 15.34
N LEU B 183 19.47 -4.27 16.26
CA LEU B 183 20.46 -4.78 17.19
C LEU B 183 20.11 -4.38 18.63
N THR B 184 20.72 -5.06 19.61
CA THR B 184 20.77 -4.53 20.96
C THR B 184 21.79 -3.39 20.99
N ALA B 185 21.67 -2.49 21.97
CA ALA B 185 22.64 -1.43 22.15
C ALA B 185 24.05 -1.98 22.33
N ARG B 186 24.16 -3.12 23.04
CA ARG B 186 25.46 -3.73 23.30
C ARG B 186 26.08 -4.30 22.03
N ALA B 187 25.27 -5.02 21.23
CA ALA B 187 25.71 -5.47 19.92
C ALA B 187 26.27 -4.31 19.11
N TRP B 188 25.56 -3.18 19.10
CA TRP B 188 26.00 -1.97 18.43
C TRP B 188 27.41 -1.54 18.87
N GLU B 189 27.68 -1.62 20.17
CA GLU B 189 28.97 -1.24 20.73
C GLU B 189 30.08 -2.27 20.55
N ARG B 190 29.73 -3.55 20.32
CA ARG B 190 30.70 -4.62 20.09
C ARG B 190 31.17 -4.75 18.64
N HIS B 191 30.60 -3.93 17.74
CA HIS B 191 30.93 -3.98 16.33
C HIS B 191 31.31 -2.57 15.88
N SER B 192 32.10 -2.48 14.80
CA SER B 192 32.74 -1.24 14.39
C SER B 192 32.21 -0.69 13.06
N SER B 193 32.03 -1.59 12.09
CA SER B 193 31.62 -1.21 10.74
CA SER B 193 31.61 -1.20 10.75
C SER B 193 30.26 -1.81 10.37
N TYR B 194 29.47 -1.04 9.63
CA TYR B 194 28.13 -1.46 9.24
C TYR B 194 27.90 -1.01 7.81
N SER B 195 27.31 -1.90 7.01
CA SER B 195 27.24 -1.70 5.58
C SER B 195 25.88 -2.13 5.05
N CYS B 196 25.30 -1.27 4.20
CA CYS B 196 24.06 -1.53 3.49
C CYS B 196 24.38 -1.57 2.00
N GLN B 197 24.15 -2.73 1.38
CA GLN B 197 24.44 -2.95 -0.03
C GLN B 197 23.16 -3.16 -0.83
N VAL B 198 22.92 -2.25 -1.77
CA VAL B 198 21.74 -2.31 -2.63
C VAL B 198 22.19 -2.71 -4.02
N THR B 199 21.71 -3.87 -4.48
CA THR B 199 21.89 -4.31 -5.86
C THR B 199 20.64 -3.99 -6.69
N HIS B 200 20.85 -3.30 -7.81
CA HIS B 200 19.77 -2.89 -8.70
C HIS B 200 20.24 -3.02 -10.15
N GLU B 201 19.54 -3.86 -10.93
CA GLU B 201 19.88 -4.14 -12.31
C GLU B 201 21.35 -4.53 -12.44
N GLY B 202 21.78 -5.48 -11.59
CA GLY B 202 23.13 -6.02 -11.62
C GLY B 202 24.23 -5.13 -11.01
N HIS B 203 23.87 -3.92 -10.55
CA HIS B 203 24.85 -2.93 -10.11
C HIS B 203 24.69 -2.65 -8.62
N THR B 204 25.79 -2.70 -7.87
CA THR B 204 25.72 -2.58 -6.42
C THR B 204 26.12 -1.17 -6.01
N VAL B 205 25.35 -0.62 -5.06
CA VAL B 205 25.64 0.64 -4.40
C VAL B 205 25.78 0.35 -2.90
N GLU B 206 26.94 0.63 -2.33
CA GLU B 206 27.17 0.38 -0.92
C GLU B 206 27.28 1.68 -0.15
N LYS B 207 26.60 1.76 1.00
CA LYS B 207 26.86 2.79 2.00
C LYS B 207 27.19 2.12 3.33
N SER B 208 28.20 2.67 4.01
CA SER B 208 28.64 2.10 5.27
C SER B 208 28.95 3.21 6.28
N LEU B 209 29.00 2.84 7.56
CA LEU B 209 29.46 3.78 8.55
C LEU B 209 30.43 3.07 9.50
N SER B 210 31.28 3.89 10.13
CA SER B 210 32.27 3.47 11.10
C SER B 210 31.96 4.18 12.41
N ARG B 211 31.96 3.42 13.50
CA ARG B 211 31.74 4.01 14.81
C ARG B 211 32.88 4.91 15.27
N ALA B 212 33.97 4.98 14.49
CA ALA B 212 35.03 5.94 14.72
C ALA B 212 34.67 7.35 14.26
N ASP B 213 33.57 7.49 13.51
CA ASP B 213 33.00 8.78 13.17
C ASP B 213 31.67 8.99 13.92
#